data_2QWR
#
_entry.id   2QWR
#
_cell.length_a   38.797
_cell.length_b   56.494
_cell.length_c   225.878
_cell.angle_alpha   90.000
_cell.angle_beta   90.000
_cell.angle_gamma   90.000
#
_symmetry.space_group_name_H-M   'P 21 21 21'
#
loop_
_entity.id
_entity.type
_entity.pdbx_description
1 polymer 'Heat shock cognate 71 kDa protein'
2 polymer 'Putative tyrosine-protein phosphatase auxilin'
3 non-polymer 'PHOSPHOAMINOPHOSPHONIC ACID-ADENYLATE ESTER'
4 non-polymer 'ACETIC ACID'
5 non-polymer GLYCEROL
6 water water
#
loop_
_entity_poly.entity_id
_entity_poly.type
_entity_poly.pdbx_seq_one_letter_code
_entity_poly.pdbx_strand_id
1 'polypeptide(L)'
;MSKGPAVGIDLGTTYSCVGVFQHGKVEIIANDQGNRTTPSYVAFTDTERLIGDAAKNQVAMNPTNTVFDAKRLIGRRFDD
AVVQSDMKHWPFMVVNDAGRPKVQVEYKGETKSFYPEEVSSMVLTKMKEIAEAYLGKTVTNAVVTVPAYFNDSQRQATKD
AGTIAGLNVLCIINEPTAAAIAYGLDKKVGAERNVLIFDLGGGTFDVSILTIEDGIFEVKSTAGDTHLGGEDFDNRMVNH
FIAEFKRKHKKDISENKRAVRRLRTACERAKRTLSSSTQASIEIDSLYEGIDFYTSITRARFEELNADLFRGTLDPVEKA
LRDAKLDKSQIHDIVLVGGSTRIPKIQKLLQDFFNGKELNKSINPDEAVAYGAAVQAAILSGDKSENVQDLLLL
;
A
2 'polypeptide(L)'
;DPEKLKILEWIEGKERNIRALLSTMHTVLWAGETKWKPVGMADLVTPEQVKKVYRKAVLVVHPCKATGQPYEQYAKMIFM
ELNDAWSEFENQ
;
B
#
loop_
_chem_comp.id
_chem_comp.type
_chem_comp.name
_chem_comp.formula
ACY non-polymer 'ACETIC ACID' 'C2 H4 O2'
ANP non-polymer 'PHOSPHOAMINOPHOSPHONIC ACID-ADENYLATE ESTER' 'C10 H17 N6 O12 P3'
GOL non-polymer GLYCEROL 'C3 H8 O3'
#
# COMPACT_ATOMS: atom_id res chain seq x y z
N GLY A 4 -10.56 -17.01 10.34
CA GLY A 4 -9.15 -17.14 10.83
C GLY A 4 -8.26 -15.92 10.59
N PRO A 5 -7.62 -15.84 9.41
CA PRO A 5 -6.42 -15.02 9.29
C PRO A 5 -6.67 -13.54 9.07
N ALA A 6 -5.66 -12.75 9.43
CA ALA A 6 -5.61 -11.35 9.07
C ALA A 6 -4.83 -11.20 7.76
N VAL A 7 -5.20 -10.21 6.96
CA VAL A 7 -4.59 -10.02 5.65
C VAL A 7 -3.86 -8.68 5.61
N GLY A 8 -2.98 -8.53 4.63
CA GLY A 8 -2.35 -7.25 4.37
C GLY A 8 -2.96 -6.65 3.12
N ILE A 9 -3.31 -5.37 3.18
CA ILE A 9 -3.83 -4.70 2.00
C ILE A 9 -3.05 -3.43 1.71
N ASP A 10 -2.46 -3.39 0.52
CA ASP A 10 -1.92 -2.19 -0.08
C ASP A 10 -3.06 -1.43 -0.75
N LEU A 11 -3.48 -0.30 -0.15
CA LEU A 11 -4.54 0.51 -0.74
C LEU A 11 -3.87 1.63 -1.54
N GLY A 12 -3.81 1.44 -2.84
CA GLY A 12 -2.91 2.20 -3.71
C GLY A 12 -3.71 3.19 -4.51
N THR A 13 -3.05 4.30 -4.84
CA THR A 13 -3.57 5.33 -5.71
C THR A 13 -4.21 4.74 -6.98
N THR A 14 -3.50 3.83 -7.64
CA THR A 14 -3.95 3.30 -8.94
C THR A 14 -4.30 1.81 -8.91
N TYR A 15 -3.60 1.06 -8.06
CA TYR A 15 -3.83 -0.37 -7.90
C TYR A 15 -3.82 -0.71 -6.44
N SER A 16 -4.58 -1.75 -6.08
CA SER A 16 -4.58 -2.31 -4.75
C SER A 16 -4.27 -3.78 -4.88
N CYS A 17 -3.72 -4.33 -3.80
CA CYS A 17 -3.14 -5.65 -3.77
C CYS A 17 -3.32 -6.20 -2.35
N VAL A 18 -3.80 -7.45 -2.27
CA VAL A 18 -4.06 -8.05 -0.98
C VAL A 18 -3.20 -9.31 -0.83
N GLY A 19 -2.59 -9.49 0.32
CA GLY A 19 -1.83 -10.71 0.56
C GLY A 19 -2.15 -11.33 1.89
N VAL A 20 -1.78 -12.59 2.09
CA VAL A 20 -2.09 -13.29 3.34
C VAL A 20 -0.92 -14.20 3.79
N PHE A 21 -0.57 -14.11 5.07
CA PHE A 21 0.42 -14.99 5.66
C PHE A 21 -0.31 -16.21 6.20
N GLN A 22 0.08 -17.38 5.69
CA GLN A 22 -0.70 -18.60 5.84
C GLN A 22 0.15 -19.77 5.44
N HIS A 23 0.16 -20.80 6.30
CA HIS A 23 0.92 -22.04 6.09
C HIS A 23 2.40 -21.78 5.78
N GLY A 24 2.98 -20.81 6.49
CA GLY A 24 4.42 -20.56 6.45
C GLY A 24 4.88 -19.55 5.42
N LYS A 25 4.05 -19.29 4.40
CA LYS A 25 4.37 -18.37 3.28
C LYS A 25 3.38 -17.23 3.20
N VAL A 26 3.79 -16.11 2.60
CA VAL A 26 2.86 -15.06 2.16
C VAL A 26 2.36 -15.39 0.76
N GLU A 27 1.05 -15.41 0.58
CA GLU A 27 0.47 -15.53 -0.75
C GLU A 27 -0.10 -14.18 -1.12
N ILE A 28 0.27 -13.68 -2.29
CA ILE A 28 -0.40 -12.53 -2.89
C ILE A 28 -1.48 -13.08 -3.76
N ILE A 29 -2.71 -12.60 -3.56
CA ILE A 29 -3.90 -13.32 -3.99
C ILE A 29 -4.49 -12.73 -5.28
N ALA A 30 -4.66 -13.58 -6.30
CA ALA A 30 -5.22 -13.14 -7.57
C ALA A 30 -6.74 -12.93 -7.44
N ASN A 31 -7.28 -11.95 -8.17
CA ASN A 31 -8.73 -11.70 -8.20
C ASN A 31 -9.38 -12.69 -9.16
N ASP A 32 -10.70 -12.59 -9.37
CA ASP A 32 -11.41 -13.55 -10.19
C ASP A 32 -11.09 -13.48 -11.67
N GLN A 33 -10.32 -12.46 -12.07
CA GLN A 33 -9.90 -12.30 -13.47
C GLN A 33 -8.47 -12.79 -13.61
N GLY A 34 -7.91 -13.26 -12.51
CA GLY A 34 -6.53 -13.76 -12.53
C GLY A 34 -5.49 -12.74 -12.11
N ASN A 35 -5.91 -11.51 -11.84
CA ASN A 35 -4.93 -10.45 -11.59
C ASN A 35 -4.59 -10.25 -10.08
N ARG A 36 -3.29 -10.22 -9.78
CA ARG A 36 -2.75 -10.08 -8.41
C ARG A 36 -2.66 -8.65 -7.89
N THR A 37 -2.87 -7.69 -8.78
CA THR A 37 -3.21 -6.31 -8.37
C THR A 37 -4.58 -5.97 -8.99
N THR A 38 -5.26 -4.98 -8.40
CA THR A 38 -6.61 -4.66 -8.77
C THR A 38 -6.78 -3.12 -8.87
N PRO A 39 -7.21 -2.60 -10.05
CA PRO A 39 -7.42 -1.13 -10.17
C PRO A 39 -8.22 -0.58 -9.01
N SER A 40 -7.82 0.58 -8.48
CA SER A 40 -8.57 1.28 -7.46
C SER A 40 -9.67 2.12 -8.10
N TYR A 41 -10.52 1.46 -8.87
CA TYR A 41 -11.55 2.13 -9.67
C TYR A 41 -12.93 1.75 -9.19
N VAL A 42 -13.83 2.73 -9.09
CA VAL A 42 -15.25 2.43 -8.88
C VAL A 42 -16.09 3.11 -9.96
N ALA A 43 -16.89 2.31 -10.66
CA ALA A 43 -17.73 2.83 -11.73
C ALA A 43 -19.20 2.58 -11.40
N PHE A 44 -20.04 3.55 -11.72
CA PHE A 44 -21.49 3.39 -11.52
C PHE A 44 -22.21 3.53 -12.86
N THR A 45 -22.98 2.52 -13.21
CA THR A 45 -23.77 2.55 -14.42
C THR A 45 -25.25 2.63 -14.07
N ASP A 46 -26.12 2.44 -15.07
CA ASP A 46 -27.56 2.34 -14.86
C ASP A 46 -27.95 1.13 -13.98
N THR A 47 -27.09 0.10 -13.98
CA THR A 47 -27.47 -1.22 -13.47
C THR A 47 -26.55 -1.86 -12.43
N GLU A 48 -25.33 -1.35 -12.29
CA GLU A 48 -24.39 -1.95 -11.35
C GLU A 48 -23.32 -1.01 -10.87
N ARG A 49 -22.84 -1.26 -9.67
CA ARG A 49 -21.62 -0.64 -9.16
C ARG A 49 -20.46 -1.58 -9.51
N LEU A 50 -19.52 -1.07 -10.31
CA LEU A 50 -18.39 -1.88 -10.79
C LEU A 50 -17.12 -1.57 -10.04
N ILE A 51 -16.38 -2.60 -9.65
CA ILE A 51 -15.12 -2.39 -8.92
C ILE A 51 -13.96 -3.17 -9.56
N GLY A 52 -12.81 -2.51 -9.61
CA GLY A 52 -11.60 -3.09 -10.13
C GLY A 52 -11.58 -3.07 -11.64
N ASP A 53 -11.24 -4.21 -12.22
CA ASP A 53 -11.03 -4.32 -13.64
C ASP A 53 -12.26 -3.93 -14.45
N ALA A 54 -13.43 -4.49 -14.12
CA ALA A 54 -14.66 -4.20 -14.87
C ALA A 54 -14.96 -2.70 -14.91
N ALA A 55 -14.60 -2.00 -13.83
CA ALA A 55 -14.68 -0.54 -13.74
C ALA A 55 -13.64 0.14 -14.64
N LYS A 56 -12.38 -0.29 -14.54
CA LYS A 56 -11.32 0.27 -15.36
C LYS A 56 -11.54 0.03 -16.87
N ASN A 57 -11.92 -1.19 -17.22
CA ASN A 57 -12.22 -1.58 -18.61
C ASN A 57 -13.34 -0.82 -19.31
N GLN A 58 -14.24 -0.20 -18.54
CA GLN A 58 -15.34 0.57 -19.13
C GLN A 58 -15.20 2.10 -19.05
N VAL A 59 -14.06 2.59 -18.55
CA VAL A 59 -13.86 4.04 -18.33
C VAL A 59 -14.06 4.90 -19.59
N ALA A 60 -13.86 4.33 -20.77
CA ALA A 60 -14.01 5.07 -22.01
C ALA A 60 -15.48 5.33 -22.35
N MET A 61 -16.36 4.35 -22.10
CA MET A 61 -17.80 4.45 -22.39
C MET A 61 -18.57 5.21 -21.31
N ASN A 62 -17.90 5.49 -20.20
CA ASN A 62 -18.57 6.01 -19.00
C ASN A 62 -17.59 6.80 -18.10
N PRO A 63 -16.90 7.80 -18.69
CA PRO A 63 -15.83 8.54 -18.00
C PRO A 63 -16.23 9.34 -16.74
N THR A 64 -17.44 9.87 -16.72
CA THR A 64 -17.86 10.80 -15.66
C THR A 64 -18.27 10.06 -14.35
N ASN A 65 -18.51 8.76 -14.47
CA ASN A 65 -19.02 7.95 -13.35
C ASN A 65 -18.05 6.88 -12.89
N THR A 66 -16.90 6.84 -13.55
CA THR A 66 -15.81 5.98 -13.18
C THR A 66 -14.90 6.81 -12.28
N VAL A 67 -15.06 6.65 -10.97
CA VAL A 67 -14.20 7.29 -9.98
C VAL A 67 -12.88 6.53 -9.86
N PHE A 68 -11.80 7.28 -9.63
CA PHE A 68 -10.48 6.75 -9.40
C PHE A 68 -9.78 7.88 -8.68
N ASP A 69 -8.59 7.61 -8.12
CA ASP A 69 -7.75 8.63 -7.45
C ASP A 69 -8.32 9.17 -6.12
N ALA A 70 -9.15 8.39 -5.46
CA ALA A 70 -9.71 8.77 -4.17
C ALA A 70 -8.65 8.90 -3.07
N LYS A 71 -7.56 8.14 -3.16
CA LYS A 71 -6.46 8.28 -2.21
C LYS A 71 -5.97 9.72 -2.18
N ARG A 72 -6.17 10.47 -3.26
CA ARG A 72 -5.72 11.86 -3.33
C ARG A 72 -6.68 12.82 -2.62
N LEU A 73 -7.91 12.38 -2.39
CA LEU A 73 -8.94 13.16 -1.70
C LEU A 73 -9.09 12.80 -0.23
N ILE A 74 -8.53 11.66 0.17
CA ILE A 74 -8.76 11.11 1.51
C ILE A 74 -8.03 11.93 2.61
N GLY A 75 -8.73 12.27 3.69
CA GLY A 75 -8.15 13.00 4.80
C GLY A 75 -8.04 14.50 4.54
N ARG A 76 -8.66 14.98 3.46
CA ARG A 76 -8.52 16.36 2.99
C ARG A 76 -9.78 17.21 3.10
N ARG A 77 -9.58 18.51 3.28
CA ARG A 77 -10.64 19.51 3.16
C ARG A 77 -10.83 19.86 1.68
N PHE A 78 -12.03 20.27 1.29
CA PHE A 78 -12.33 20.66 -0.10
C PHE A 78 -11.51 21.90 -0.49
N ASP A 79 -11.35 22.84 0.44
CA ASP A 79 -10.55 24.05 0.22
C ASP A 79 -9.03 23.79 0.27
N ASP A 80 -8.62 22.52 0.22
CA ASP A 80 -7.18 22.18 0.13
C ASP A 80 -6.66 22.49 -1.27
N ALA A 81 -5.51 23.16 -1.32
CA ALA A 81 -4.87 23.50 -2.59
C ALA A 81 -4.77 22.28 -3.50
N VAL A 82 -4.36 21.15 -2.91
CA VAL A 82 -4.18 19.87 -3.58
C VAL A 82 -5.49 19.34 -4.20
N VAL A 83 -6.59 19.47 -3.47
CA VAL A 83 -7.91 19.04 -3.97
C VAL A 83 -8.30 19.82 -5.23
N GLN A 84 -8.10 21.15 -5.16
CA GLN A 84 -8.51 22.12 -6.20
C GLN A 84 -7.67 22.00 -7.47
N SER A 85 -6.37 21.83 -7.27
CA SER A 85 -5.43 21.51 -8.34
C SER A 85 -5.89 20.26 -9.10
N ASP A 86 -6.04 19.16 -8.37
CA ASP A 86 -6.29 17.84 -8.93
C ASP A 86 -7.65 17.71 -9.59
N MET A 87 -8.65 18.40 -9.04
CA MET A 87 -10.01 18.38 -9.58
C MET A 87 -10.09 18.62 -11.07
N LYS A 88 -9.27 19.56 -11.56
CA LYS A 88 -9.23 19.93 -12.98
C LYS A 88 -8.94 18.71 -13.87
N HIS A 89 -8.13 17.80 -13.35
CA HIS A 89 -7.66 16.63 -14.07
C HIS A 89 -8.70 15.51 -14.16
N TRP A 90 -9.66 15.49 -13.24
CA TRP A 90 -10.67 14.42 -13.20
C TRP A 90 -11.92 14.67 -14.06
N PRO A 91 -12.41 13.62 -14.73
CA PRO A 91 -13.63 13.71 -15.52
C PRO A 91 -14.89 13.56 -14.68
N PHE A 92 -14.75 13.04 -13.46
CA PHE A 92 -15.87 12.92 -12.53
C PHE A 92 -15.95 14.19 -11.69
N MET A 93 -17.15 14.48 -11.18
CA MET A 93 -17.36 15.71 -10.44
C MET A 93 -17.08 15.54 -8.96
N VAL A 94 -16.42 16.52 -8.38
CA VAL A 94 -16.16 16.57 -6.94
C VAL A 94 -16.92 17.76 -6.37
N VAL A 95 -17.83 17.50 -5.42
CA VAL A 95 -18.61 18.58 -4.78
C VAL A 95 -18.18 18.88 -3.32
N ASN A 96 -18.65 20.01 -2.82
CA ASN A 96 -18.39 20.50 -1.45
C ASN A 96 -19.56 20.21 -0.50
N ASP A 97 -19.34 19.27 0.43
CA ASP A 97 -20.31 19.02 1.50
C ASP A 97 -19.75 19.53 2.83
N ALA A 98 -20.05 20.79 3.12
CA ALA A 98 -19.59 21.48 4.33
C ALA A 98 -18.09 21.36 4.61
N GLY A 99 -17.26 21.54 3.59
CA GLY A 99 -15.80 21.58 3.76
C GLY A 99 -15.17 20.22 3.64
N ARG A 100 -15.98 19.26 3.19
CA ARG A 100 -15.56 17.89 2.95
C ARG A 100 -15.78 17.55 1.48
N PRO A 101 -14.73 17.07 0.78
CA PRO A 101 -14.90 16.61 -0.60
C PRO A 101 -15.84 15.41 -0.73
N LYS A 102 -16.67 15.44 -1.76
CA LYS A 102 -17.47 14.30 -2.15
C LYS A 102 -17.29 14.12 -3.63
N VAL A 103 -17.68 12.98 -4.18
CA VAL A 103 -17.63 12.80 -5.62
C VAL A 103 -19.08 12.62 -6.06
N GLN A 104 -19.53 13.45 -7.00
CA GLN A 104 -20.90 13.33 -7.47
C GLN A 104 -20.91 12.48 -8.73
N VAL A 105 -21.75 11.43 -8.75
CA VAL A 105 -21.88 10.52 -9.91
C VAL A 105 -23.35 10.23 -10.24
N GLU A 106 -23.60 9.66 -11.43
CA GLU A 106 -24.92 9.07 -11.74
C GLU A 106 -24.92 7.55 -11.54
N TYR A 107 -25.75 7.07 -10.61
CA TYR A 107 -25.89 5.65 -10.29
C TYR A 107 -27.35 5.25 -10.28
N LYS A 108 -27.71 4.35 -11.20
CA LYS A 108 -29.08 3.82 -11.37
C LYS A 108 -30.12 4.94 -11.58
N GLY A 109 -29.75 5.90 -12.44
CA GLY A 109 -30.67 6.97 -12.84
C GLY A 109 -30.66 8.17 -11.93
N GLU A 110 -30.21 7.95 -10.70
CA GLU A 110 -30.12 8.99 -9.67
C GLU A 110 -28.71 9.55 -9.55
N THR A 111 -28.65 10.86 -9.27
CA THR A 111 -27.44 11.53 -8.82
C THR A 111 -27.11 11.03 -7.42
N LYS A 112 -25.82 10.84 -7.17
CA LYS A 112 -25.37 10.30 -5.90
C LYS A 112 -24.01 10.88 -5.62
N SER A 113 -23.72 11.15 -4.35
CA SER A 113 -22.39 11.59 -3.93
C SER A 113 -21.79 10.63 -2.90
N PHE A 114 -20.47 10.51 -2.88
CA PHE A 114 -19.79 9.67 -1.89
C PHE A 114 -18.56 10.37 -1.34
N TYR A 115 -18.32 10.18 -0.04
CA TYR A 115 -17.10 10.69 0.58
C TYR A 115 -15.92 9.85 0.09
N PRO A 116 -14.71 10.41 0.13
CA PRO A 116 -13.56 9.68 -0.40
C PRO A 116 -13.26 8.39 0.37
N GLU A 117 -13.54 8.35 1.68
CA GLU A 117 -13.33 7.11 2.45
C GLU A 117 -14.35 6.04 2.11
N GLU A 118 -15.47 6.46 1.54
CA GLU A 118 -16.50 5.54 1.14
C GLU A 118 -16.13 4.87 -0.17
N VAL A 119 -15.56 5.65 -1.10
CA VAL A 119 -15.02 5.12 -2.36
C VAL A 119 -13.87 4.13 -2.06
N SER A 120 -12.95 4.55 -1.20
CA SER A 120 -11.83 3.68 -0.83
C SER A 120 -12.34 2.48 -0.04
N SER A 121 -13.50 2.61 0.60
CA SER A 121 -14.11 1.46 1.27
C SER A 121 -14.60 0.41 0.27
N MET A 122 -15.06 0.87 -0.90
CA MET A 122 -15.52 0.00 -1.98
C MET A 122 -14.38 -0.83 -2.58
N VAL A 123 -13.25 -0.19 -2.77
CA VAL A 123 -12.02 -0.84 -3.22
C VAL A 123 -11.64 -1.87 -2.18
N LEU A 124 -11.68 -1.47 -0.90
CA LEU A 124 -11.30 -2.33 0.23
C LEU A 124 -12.20 -3.55 0.38
N THR A 125 -13.50 -3.33 0.22
CA THR A 125 -14.48 -4.40 0.18
C THR A 125 -14.11 -5.37 -0.93
N LYS A 126 -13.80 -4.84 -2.12
CA LYS A 126 -13.44 -5.67 -3.25
C LYS A 126 -12.25 -6.53 -2.89
N MET A 127 -11.19 -5.92 -2.39
CA MET A 127 -9.99 -6.65 -1.93
C MET A 127 -10.29 -7.69 -0.86
N LYS A 128 -11.23 -7.36 0.02
CA LYS A 128 -11.62 -8.23 1.11
C LYS A 128 -12.24 -9.49 0.54
N GLU A 129 -13.16 -9.33 -0.41
CA GLU A 129 -13.77 -10.48 -1.11
C GLU A 129 -12.76 -11.37 -1.88
N ILE A 130 -11.74 -10.75 -2.44
CA ILE A 130 -10.69 -11.43 -3.17
C ILE A 130 -9.97 -12.41 -2.26
N ALA A 131 -9.56 -11.91 -1.08
CA ALA A 131 -8.99 -12.75 -0.02
C ALA A 131 -9.94 -13.85 0.50
N GLU A 132 -11.23 -13.54 0.59
CA GLU A 132 -12.24 -14.47 1.09
C GLU A 132 -12.52 -15.57 0.11
N ALA A 133 -12.50 -15.22 -1.18
CA ALA A 133 -12.70 -16.19 -2.25
C ALA A 133 -11.55 -17.18 -2.24
N TYR A 134 -10.35 -16.71 -1.97
CA TYR A 134 -9.20 -17.57 -1.88
C TYR A 134 -9.19 -18.43 -0.60
N LEU A 135 -9.55 -17.83 0.53
CA LEU A 135 -9.40 -18.48 1.84
C LEU A 135 -10.57 -19.39 2.22
N GLY A 136 -11.73 -19.16 1.60
CA GLY A 136 -12.89 -20.01 1.87
C GLY A 136 -13.62 -19.63 3.15
N LYS A 137 -13.21 -18.50 3.74
CA LYS A 137 -13.86 -17.98 4.93
C LYS A 137 -13.90 -16.46 4.88
N THR A 138 -14.56 -15.87 5.88
CA THR A 138 -14.69 -14.42 5.99
C THR A 138 -13.44 -13.77 6.55
N VAL A 139 -13.11 -12.61 6.01
CA VAL A 139 -11.97 -11.84 6.48
C VAL A 139 -12.51 -10.63 7.23
N THR A 140 -11.92 -10.32 8.38
CA THR A 140 -12.28 -9.11 9.12
C THR A 140 -11.03 -8.33 9.46
N ASN A 141 -10.06 -8.96 10.10
CA ASN A 141 -8.86 -8.27 10.53
C ASN A 141 -7.90 -8.00 9.39
N ALA A 142 -7.50 -6.75 9.24
CA ALA A 142 -6.50 -6.37 8.22
C ALA A 142 -5.55 -5.28 8.72
N VAL A 143 -4.32 -5.32 8.23
CA VAL A 143 -3.38 -4.20 8.29
C VAL A 143 -3.46 -3.52 6.92
N VAL A 144 -3.67 -2.20 6.93
CA VAL A 144 -3.76 -1.41 5.68
C VAL A 144 -2.62 -0.41 5.66
N THR A 145 -2.04 -0.19 4.48
CA THR A 145 -0.83 0.65 4.36
C THR A 145 -1.19 1.99 3.78
N VAL A 146 -0.35 3.00 4.05
CA VAL A 146 -0.50 4.38 3.58
C VAL A 146 0.90 4.96 3.25
N PRO A 147 0.96 6.07 2.48
CA PRO A 147 2.27 6.68 2.30
C PRO A 147 2.86 7.20 3.58
N ALA A 148 4.19 7.15 3.68
CA ALA A 148 4.89 7.61 4.87
C ALA A 148 4.62 9.09 5.20
N TYR A 149 4.35 9.88 4.15
CA TYR A 149 4.09 11.30 4.36
C TYR A 149 2.63 11.56 4.77
N PHE A 150 1.80 10.52 4.81
CA PHE A 150 0.39 10.71 5.26
C PHE A 150 0.33 11.29 6.68
N ASN A 151 -0.53 12.28 6.87
CA ASN A 151 -0.74 12.86 8.18
C ASN A 151 -1.78 12.04 8.99
N ASP A 152 -2.01 12.43 10.24
CA ASP A 152 -3.03 11.80 11.07
C ASP A 152 -4.43 11.78 10.47
N SER A 153 -4.81 12.84 9.78
CA SER A 153 -6.16 12.96 9.22
C SER A 153 -6.37 12.01 8.03
N GLN A 154 -5.28 11.75 7.32
CA GLN A 154 -5.28 10.87 6.19
C GLN A 154 -5.24 9.43 6.65
N ARG A 155 -4.42 9.19 7.69
CA ARG A 155 -4.32 7.86 8.33
C ARG A 155 -5.64 7.45 9.01
N GLN A 156 -6.31 8.39 9.67
CA GLN A 156 -7.59 8.13 10.32
C GLN A 156 -8.68 7.90 9.27
N ALA A 157 -8.62 8.63 8.17
CA ALA A 157 -9.57 8.41 7.06
C ALA A 157 -9.38 7.07 6.35
N THR A 158 -8.13 6.59 6.25
CA THR A 158 -7.85 5.26 5.68
C THR A 158 -8.36 4.13 6.59
N LYS A 159 -8.20 4.29 7.89
CA LYS A 159 -8.73 3.36 8.88
C LYS A 159 -10.26 3.34 8.84
N ASP A 160 -10.85 4.53 8.70
CA ASP A 160 -12.29 4.70 8.54
C ASP A 160 -12.83 3.97 7.33
N ALA A 161 -12.02 3.92 6.27
CA ALA A 161 -12.35 3.25 5.02
C ALA A 161 -12.49 1.75 5.23
N GLY A 162 -11.57 1.20 6.03
CA GLY A 162 -11.59 -0.21 6.45
C GLY A 162 -12.86 -0.51 7.21
N THR A 163 -13.15 0.27 8.26
CA THR A 163 -14.37 0.07 9.04
C THR A 163 -15.63 0.01 8.17
N ILE A 164 -15.67 0.85 7.13
CA ILE A 164 -16.84 0.94 6.25
C ILE A 164 -16.89 -0.26 5.32
N ALA A 165 -15.72 -0.84 5.06
CA ALA A 165 -15.59 -2.07 4.31
C ALA A 165 -15.87 -3.31 5.17
N GLY A 166 -16.25 -3.10 6.44
CA GLY A 166 -16.57 -4.17 7.35
C GLY A 166 -15.33 -4.79 7.91
N LEU A 167 -14.24 -4.04 7.85
CA LEU A 167 -12.95 -4.54 8.27
C LEU A 167 -12.56 -3.95 9.59
N ASN A 168 -11.81 -4.74 10.35
CA ASN A 168 -11.22 -4.31 11.57
C ASN A 168 -9.74 -4.09 11.32
N VAL A 169 -9.32 -2.83 11.40
CA VAL A 169 -7.96 -2.46 11.03
C VAL A 169 -7.03 -2.61 12.22
N LEU A 170 -6.13 -3.58 12.13
CA LEU A 170 -5.21 -3.87 13.21
C LEU A 170 -4.18 -2.76 13.38
N CYS A 171 -3.77 -2.17 12.26
CA CYS A 171 -2.79 -1.10 12.25
C CYS A 171 -2.84 -0.42 10.90
N ILE A 172 -2.46 0.85 10.88
CA ILE A 172 -2.17 1.52 9.63
C ILE A 172 -0.65 1.64 9.61
N ILE A 173 0.01 1.04 8.62
CA ILE A 173 1.48 1.16 8.53
C ILE A 173 1.98 1.83 7.24
N ASN A 174 3.24 2.25 7.23
CA ASN A 174 3.77 3.00 6.09
C ASN A 174 4.16 2.07 4.97
N GLU A 175 3.95 2.52 3.74
CA GLU A 175 4.27 1.72 2.57
C GLU A 175 5.76 1.26 2.48
N PRO A 176 6.73 2.19 2.62
CA PRO A 176 8.10 1.73 2.41
C PRO A 176 8.59 0.86 3.56
N THR A 177 7.97 1.00 4.72
CA THR A 177 8.21 0.14 5.88
C THR A 177 7.73 -1.31 5.63
N ALA A 178 6.49 -1.46 5.19
CA ALA A 178 5.96 -2.75 4.66
C ALA A 178 6.88 -3.51 3.68
N ALA A 179 7.35 -2.77 2.67
CA ALA A 179 8.22 -3.29 1.65
C ALA A 179 9.51 -3.80 2.28
N ALA A 180 10.00 -3.08 3.28
CA ALA A 180 11.19 -3.47 4.01
C ALA A 180 10.88 -4.64 4.94
N ILE A 181 9.62 -4.79 5.32
CA ILE A 181 9.24 -5.96 6.13
C ILE A 181 9.16 -7.21 5.25
N ALA A 182 8.54 -7.06 4.07
CA ALA A 182 8.60 -8.04 3.00
C ALA A 182 9.99 -8.68 2.82
N TYR A 183 11.05 -7.87 2.89
CA TYR A 183 12.41 -8.37 2.76
C TYR A 183 13.07 -8.83 4.05
N GLY A 184 12.32 -8.75 5.16
CA GLY A 184 12.80 -9.16 6.46
C GLY A 184 14.04 -8.37 6.85
N LEU A 185 14.06 -7.10 6.48
CA LEU A 185 15.25 -6.26 6.71
C LEU A 185 15.51 -5.98 8.18
N ASP A 186 14.54 -6.33 9.03
CA ASP A 186 14.55 -6.08 10.47
C ASP A 186 15.05 -7.28 11.29
N LYS A 187 15.29 -8.38 10.60
CA LYS A 187 15.64 -9.64 11.22
C LYS A 187 17.13 -9.92 11.10
N LYS A 188 17.96 -8.89 11.28
CA LYS A 188 19.42 -8.99 11.09
C LYS A 188 20.17 -8.42 12.28
N VAL A 189 21.15 -9.16 12.77
CA VAL A 189 21.93 -8.73 13.92
C VAL A 189 22.96 -7.69 13.50
N GLY A 190 23.16 -6.68 14.33
CA GLY A 190 24.19 -5.66 14.08
C GLY A 190 23.77 -4.21 14.00
N ALA A 191 24.77 -3.35 13.80
CA ALA A 191 24.64 -1.88 13.70
C ALA A 191 23.46 -1.42 12.83
N GLU A 192 22.96 -0.20 13.08
CA GLU A 192 21.79 0.31 12.36
C GLU A 192 22.02 0.30 10.87
N ARG A 193 20.96 0.05 10.11
CA ARG A 193 21.04 -0.07 8.66
C ARG A 193 20.24 1.03 7.97
N ASN A 194 20.87 1.64 6.97
CA ASN A 194 20.20 2.59 6.11
C ASN A 194 19.63 1.92 4.87
N VAL A 195 18.32 2.05 4.71
CA VAL A 195 17.58 1.39 3.67
C VAL A 195 16.91 2.45 2.80
N LEU A 196 17.05 2.35 1.49
CA LEU A 196 16.38 3.27 0.56
C LEU A 196 15.27 2.55 -0.16
N ILE A 197 14.06 3.09 -0.07
CA ILE A 197 12.94 2.52 -0.78
C ILE A 197 12.64 3.37 -2.00
N PHE A 198 12.89 2.80 -3.18
CA PHE A 198 12.62 3.49 -4.43
C PHE A 198 11.31 2.93 -4.95
N ASP A 199 10.28 3.77 -4.95
CA ASP A 199 8.92 3.30 -5.20
C ASP A 199 8.24 4.12 -6.29
N LEU A 200 8.00 3.50 -7.45
CA LEU A 200 7.43 4.22 -8.61
C LEU A 200 6.18 3.46 -9.07
N GLY A 201 5.03 3.96 -8.65
CA GLY A 201 3.81 3.28 -8.95
C GLY A 201 3.25 3.79 -10.26
N GLY A 202 1.93 4.05 -10.28
CA GLY A 202 1.22 4.38 -11.48
C GLY A 202 0.88 5.84 -11.54
N GLY A 203 0.84 6.50 -10.38
CA GLY A 203 0.57 7.94 -10.33
C GLY A 203 1.54 8.76 -9.51
N THR A 204 2.34 8.09 -8.66
CA THR A 204 3.19 8.75 -7.65
C THR A 204 4.56 8.14 -7.59
N PHE A 205 5.56 8.94 -7.21
CA PHE A 205 6.97 8.48 -7.06
C PHE A 205 7.43 8.79 -5.66
N ASP A 206 7.89 7.77 -4.91
CA ASP A 206 8.31 7.94 -3.52
C ASP A 206 9.68 7.36 -3.28
N VAL A 207 10.57 8.17 -2.72
CA VAL A 207 11.86 7.75 -2.21
C VAL A 207 11.81 8.01 -0.70
N SER A 208 12.03 6.97 0.09
CA SER A 208 12.12 7.11 1.53
C SER A 208 13.41 6.47 1.96
N ILE A 209 14.10 7.07 2.93
CA ILE A 209 15.23 6.45 3.59
C ILE A 209 14.82 6.08 5.01
N LEU A 210 15.20 4.88 5.44
CA LEU A 210 14.83 4.34 6.73
C LEU A 210 16.04 3.78 7.45
N THR A 211 16.12 4.01 8.75
CA THR A 211 17.10 3.34 9.61
C THR A 211 16.43 2.13 10.26
N ILE A 212 17.21 1.05 10.40
CA ILE A 212 16.76 -0.15 11.12
C ILE A 212 17.80 -0.64 12.14
N GLU A 213 17.43 -0.61 13.41
CA GLU A 213 18.24 -1.19 14.47
C GLU A 213 17.36 -1.79 15.57
N ASP A 214 17.65 -3.05 15.89
CA ASP A 214 16.89 -3.87 16.84
C ASP A 214 15.44 -4.08 16.41
N GLY A 215 15.22 -4.10 15.09
CA GLY A 215 13.89 -4.29 14.51
C GLY A 215 13.00 -3.06 14.54
N ILE A 216 13.59 -1.91 14.92
CA ILE A 216 12.85 -0.66 15.02
C ILE A 216 13.14 0.22 13.82
N PHE A 217 12.06 0.78 13.28
CA PHE A 217 12.10 1.61 12.09
C PHE A 217 11.87 3.08 12.45
N GLU A 218 12.67 3.97 11.84
CA GLU A 218 12.37 5.41 11.80
C GLU A 218 12.51 5.88 10.36
N VAL A 219 11.66 6.80 9.95
CA VAL A 219 11.81 7.44 8.65
C VAL A 219 12.72 8.66 8.78
N LYS A 220 13.91 8.59 8.18
CA LYS A 220 14.86 9.70 8.23
C LYS A 220 14.52 10.82 7.21
N SER A 221 14.04 10.44 6.03
CA SER A 221 13.71 11.43 4.99
C SER A 221 12.82 10.81 3.95
N THR A 222 12.04 11.65 3.27
CA THR A 222 11.24 11.23 2.10
C THR A 222 11.32 12.27 0.98
N ALA A 223 11.15 11.83 -0.26
CA ALA A 223 11.13 12.73 -1.43
C ALA A 223 10.39 12.06 -2.57
N GLY A 224 10.21 12.79 -3.67
CA GLY A 224 9.54 12.24 -4.83
C GLY A 224 8.57 13.23 -5.46
N ASP A 225 7.55 12.71 -6.10
CA ASP A 225 6.67 13.52 -6.89
C ASP A 225 5.30 12.88 -6.92
N THR A 226 4.31 13.55 -6.33
CA THR A 226 2.98 12.97 -6.21
C THR A 226 2.27 12.85 -7.57
N HIS A 227 2.91 13.39 -8.62
CA HIS A 227 2.34 13.35 -9.97
C HIS A 227 3.28 12.89 -11.00
N LEU A 228 4.01 11.81 -10.68
CA LEU A 228 4.89 11.14 -11.60
C LEU A 228 4.68 9.64 -11.38
N GLY A 229 4.34 8.91 -12.43
CA GLY A 229 4.37 7.42 -12.35
C GLY A 229 4.08 6.87 -13.73
N GLY A 230 3.89 5.56 -13.83
CA GLY A 230 3.59 4.88 -15.09
C GLY A 230 2.53 5.54 -15.98
N GLU A 231 1.57 6.25 -15.38
CA GLU A 231 0.57 6.95 -16.20
C GLU A 231 1.27 7.96 -17.13
N ASP A 232 2.36 8.58 -16.68
CA ASP A 232 2.98 9.59 -17.50
C ASP A 232 3.74 9.02 -18.69
N PHE A 233 4.39 7.86 -18.49
CA PHE A 233 5.06 7.15 -19.54
C PHE A 233 4.05 6.66 -20.57
N ASP A 234 2.91 6.16 -20.11
CA ASP A 234 1.72 5.98 -21.00
C ASP A 234 1.36 7.20 -21.83
N ASN A 235 1.34 8.39 -21.25
CA ASN A 235 0.98 9.58 -21.99
C ASN A 235 2.00 9.88 -23.08
N ARG A 236 3.29 9.71 -22.73
CA ARG A 236 4.33 10.01 -23.70
C ARG A 236 4.16 9.10 -24.93
N MET A 237 3.70 7.87 -24.67
CA MET A 237 3.32 6.91 -25.70
C MET A 237 2.03 7.33 -26.48
N VAL A 238 0.98 7.71 -25.77
CA VAL A 238 -0.28 8.11 -26.45
C VAL A 238 0.06 9.14 -27.51
N ASN A 239 0.51 10.32 -27.12
CA ASN A 239 0.86 11.35 -28.10
C ASN A 239 1.81 10.97 -29.25
N HIS A 240 2.81 10.13 -28.99
CA HIS A 240 3.59 9.49 -30.08
C HIS A 240 2.60 8.92 -31.15
N PHE A 241 1.55 8.21 -30.72
CA PHE A 241 0.67 7.49 -31.66
C PHE A 241 -0.49 8.35 -32.25
N ILE A 242 -0.95 9.34 -31.48
CA ILE A 242 -1.87 10.38 -31.99
C ILE A 242 -1.27 11.01 -33.21
N ALA A 243 0.09 11.18 -33.15
CA ALA A 243 0.85 11.90 -34.19
C ALA A 243 1.03 11.02 -35.43
N GLU A 244 1.40 9.76 -35.17
CA GLU A 244 1.51 8.73 -36.19
C GLU A 244 0.17 8.56 -36.92
N PHE A 245 -0.88 8.35 -36.16
CA PHE A 245 -2.24 8.16 -36.69
C PHE A 245 -2.59 9.30 -37.66
N LYS A 246 -2.24 10.53 -37.26
CA LYS A 246 -2.51 11.73 -38.02
C LYS A 246 -1.81 11.77 -39.38
N ARG A 247 -0.53 11.39 -39.34
CA ARG A 247 0.33 11.30 -40.51
C ARG A 247 -0.15 10.22 -41.48
N LYS A 248 -0.56 9.09 -40.91
CA LYS A 248 -0.99 7.98 -41.72
C LYS A 248 -2.37 8.24 -42.33
N HIS A 249 -3.29 8.85 -41.57
CA HIS A 249 -4.70 8.92 -41.97
C HIS A 249 -5.29 10.31 -42.20
N LYS A 250 -4.54 11.36 -41.85
CA LYS A 250 -4.97 12.77 -41.90
C LYS A 250 -6.25 13.06 -41.08
N LYS A 251 -6.22 12.56 -39.85
CA LYS A 251 -7.28 12.66 -38.87
C LYS A 251 -6.63 12.92 -37.53
N ASP A 252 -7.23 13.84 -36.77
CA ASP A 252 -6.77 14.07 -35.42
C ASP A 252 -7.64 13.36 -34.35
N ILE A 253 -7.09 12.36 -33.66
CA ILE A 253 -7.95 11.63 -32.74
C ILE A 253 -7.92 12.34 -31.40
N SER A 254 -7.15 13.43 -31.36
CA SER A 254 -6.94 14.25 -30.16
C SER A 254 -8.21 14.95 -29.68
N GLU A 255 -9.09 15.34 -30.57
CA GLU A 255 -10.35 15.86 -30.05
C GLU A 255 -11.08 14.75 -29.27
N ASN A 256 -10.89 13.48 -29.73
CA ASN A 256 -11.69 12.32 -29.27
C ASN A 256 -11.30 11.68 -27.94
N LYS A 257 -12.16 11.85 -26.95
CA LYS A 257 -11.84 11.37 -25.62
C LYS A 257 -11.90 9.83 -25.50
N ARG A 258 -12.93 9.20 -26.08
CA ARG A 258 -12.99 7.74 -26.16
C ARG A 258 -11.83 7.15 -26.99
N ALA A 259 -11.48 7.82 -28.10
CA ALA A 259 -10.35 7.34 -28.90
C ALA A 259 -9.03 7.46 -28.15
N VAL A 260 -8.84 8.54 -27.41
CA VAL A 260 -7.60 8.75 -26.70
C VAL A 260 -7.52 7.79 -25.51
N ARG A 261 -8.65 7.59 -24.82
CA ARG A 261 -8.70 6.63 -23.73
C ARG A 261 -8.41 5.19 -24.21
N ARG A 262 -9.05 4.78 -25.31
CA ARG A 262 -8.77 3.46 -25.90
C ARG A 262 -7.29 3.24 -26.26
N LEU A 263 -6.62 4.25 -26.82
CA LEU A 263 -5.17 4.20 -27.10
C LEU A 263 -4.30 4.16 -25.85
N ARG A 264 -4.73 4.87 -24.81
CA ARG A 264 -4.04 4.78 -23.53
C ARG A 264 -3.90 3.35 -22.96
N THR A 265 -5.01 2.60 -22.99
CA THR A 265 -5.01 1.16 -22.61
C THR A 265 -4.08 0.33 -23.47
N ALA A 266 -4.25 0.43 -24.78
CA ALA A 266 -3.32 -0.18 -25.76
C ALA A 266 -1.88 0.05 -25.32
N CYS A 267 -1.59 1.31 -25.03
CA CYS A 267 -0.29 1.80 -24.62
C CYS A 267 0.24 1.27 -23.29
N GLU A 268 -0.61 1.14 -22.28
CA GLU A 268 -0.18 0.66 -20.99
C GLU A 268 0.24 -0.78 -21.13
N ARG A 269 -0.55 -1.48 -21.94
CA ARG A 269 -0.42 -2.90 -22.18
C ARG A 269 0.92 -3.24 -22.88
N ALA A 270 1.29 -2.45 -23.90
CA ALA A 270 2.54 -2.60 -24.64
C ALA A 270 3.75 -2.24 -23.78
N LYS A 271 3.65 -1.17 -23.00
CA LYS A 271 4.69 -0.79 -22.03
C LYS A 271 5.12 -1.93 -21.08
N ARG A 272 4.14 -2.72 -20.64
CA ARG A 272 4.43 -3.86 -19.77
C ARG A 272 5.20 -4.91 -20.54
N THR A 273 4.68 -5.27 -21.71
CA THR A 273 5.36 -6.17 -22.63
C THR A 273 6.80 -5.67 -22.80
N LEU A 274 7.00 -4.37 -22.93
CA LEU A 274 8.37 -3.82 -23.11
C LEU A 274 9.33 -4.01 -21.91
N SER A 275 8.82 -4.36 -20.72
CA SER A 275 9.73 -4.68 -19.59
C SER A 275 10.51 -5.99 -19.71
N SER A 276 10.02 -6.91 -20.54
CA SER A 276 10.74 -8.16 -20.72
C SER A 276 10.91 -8.55 -22.18
N SER A 277 10.21 -7.87 -23.10
CA SER A 277 10.49 -7.99 -24.54
C SER A 277 11.00 -6.67 -25.12
N THR A 278 11.63 -6.70 -26.30
CA THR A 278 12.23 -5.47 -26.86
C THR A 278 11.38 -4.75 -27.93
N GLN A 279 10.16 -5.26 -28.20
CA GLN A 279 9.17 -4.58 -29.03
C GLN A 279 7.79 -5.06 -28.65
N ALA A 280 6.78 -4.24 -28.90
CA ALA A 280 5.42 -4.63 -28.62
C ALA A 280 4.50 -4.19 -29.74
N SER A 281 3.40 -4.93 -29.91
CA SER A 281 2.42 -4.64 -30.93
C SER A 281 1.18 -3.95 -30.38
N ILE A 282 0.72 -2.93 -31.11
CA ILE A 282 -0.53 -2.21 -30.80
C ILE A 282 -1.57 -2.57 -31.83
N GLU A 283 -2.77 -2.87 -31.36
CA GLU A 283 -3.80 -3.45 -32.17
C GLU A 283 -5.19 -2.95 -31.72
N ILE A 284 -5.65 -1.85 -32.32
CA ILE A 284 -7.01 -1.31 -32.03
C ILE A 284 -7.97 -1.36 -33.23
N ASP A 285 -9.09 -2.08 -33.06
CA ASP A 285 -10.16 -2.12 -34.05
C ASP A 285 -10.96 -0.84 -33.97
N SER A 286 -11.13 -0.19 -35.12
CA SER A 286 -12.03 0.95 -35.28
C SER A 286 -11.76 2.02 -34.22
N LEU A 287 -10.52 2.53 -34.22
CA LEU A 287 -10.08 3.50 -33.22
C LEU A 287 -10.77 4.84 -33.42
N TYR A 288 -10.83 5.28 -34.68
CA TYR A 288 -11.39 6.57 -34.94
C TYR A 288 -12.13 6.61 -36.28
N GLU A 289 -13.42 6.86 -36.22
CA GLU A 289 -14.22 6.94 -37.43
C GLU A 289 -13.86 5.75 -38.32
N GLY A 290 -13.86 4.55 -37.72
CA GLY A 290 -13.83 3.29 -38.46
C GLY A 290 -12.49 2.77 -38.92
N ILE A 291 -11.42 3.32 -38.36
CA ILE A 291 -10.08 3.01 -38.81
C ILE A 291 -9.33 2.13 -37.82
N ASP A 292 -8.84 1.00 -38.32
CA ASP A 292 -8.09 0.07 -37.52
C ASP A 292 -6.68 0.62 -37.29
N PHE A 293 -6.24 0.65 -36.03
CA PHE A 293 -4.88 1.11 -35.73
C PHE A 293 -3.93 0.02 -35.24
N TYR A 294 -3.09 -0.43 -36.17
CA TYR A 294 -2.11 -1.45 -35.88
C TYR A 294 -0.73 -0.88 -36.10
N THR A 295 0.14 -1.15 -35.12
CA THR A 295 1.48 -0.59 -35.14
C THR A 295 2.39 -1.27 -34.13
N SER A 296 3.61 -0.75 -34.05
CA SER A 296 4.71 -1.39 -33.36
C SER A 296 5.42 -0.33 -32.51
N ILE A 297 6.05 -0.73 -31.41
CA ILE A 297 7.05 0.12 -30.74
C ILE A 297 8.14 -0.72 -30.08
N THR A 298 9.38 -0.23 -30.16
CA THR A 298 10.52 -0.86 -29.53
C THR A 298 10.75 -0.28 -28.14
N ARG A 299 11.54 -0.98 -27.36
CA ARG A 299 11.87 -0.56 -26.01
C ARG A 299 12.74 0.68 -26.06
N ALA A 300 13.81 0.62 -26.85
CA ALA A 300 14.66 1.78 -27.17
C ALA A 300 13.79 3.05 -27.42
N ARG A 301 12.78 2.92 -28.27
CA ARG A 301 11.87 4.07 -28.56
C ARG A 301 11.06 4.49 -27.35
N PHE A 302 10.43 3.52 -26.68
CA PHE A 302 9.70 3.79 -25.45
C PHE A 302 10.56 4.56 -24.46
N GLU A 303 11.81 4.10 -24.31
CA GLU A 303 12.76 4.69 -23.38
C GLU A 303 13.09 6.07 -23.79
N GLU A 304 13.31 6.27 -25.09
CA GLU A 304 13.53 7.59 -25.66
C GLU A 304 12.42 8.60 -25.41
N LEU A 305 11.18 8.13 -25.45
CA LEU A 305 10.03 9.05 -25.28
C LEU A 305 9.93 9.46 -23.82
N ASN A 306 10.67 8.78 -22.95
CA ASN A 306 10.52 8.96 -21.49
C ASN A 306 11.84 9.27 -20.83
N ALA A 307 12.88 9.42 -21.67
CA ALA A 307 14.25 9.50 -21.23
C ALA A 307 14.42 10.53 -20.13
N ASP A 308 13.62 11.62 -20.20
CA ASP A 308 13.73 12.72 -19.23
C ASP A 308 13.06 12.42 -17.89
N LEU A 309 12.03 11.58 -17.91
CA LEU A 309 11.25 11.30 -16.71
C LEU A 309 11.93 10.15 -15.95
N PHE A 310 12.65 9.29 -16.69
CA PHE A 310 13.34 8.14 -16.13
C PHE A 310 14.54 8.65 -15.31
N ARG A 311 15.53 9.17 -16.01
CA ARG A 311 16.62 9.97 -15.48
C ARG A 311 16.28 10.97 -14.36
N GLY A 312 15.15 11.70 -14.50
CA GLY A 312 14.71 12.62 -13.48
C GLY A 312 14.27 12.01 -12.14
N THR A 313 14.12 10.69 -12.07
CA THR A 313 13.80 10.02 -10.80
C THR A 313 15.03 9.95 -9.85
N LEU A 314 16.18 10.39 -10.36
CA LEU A 314 17.44 10.37 -9.58
C LEU A 314 17.57 11.63 -8.72
N ASP A 315 16.91 12.72 -9.12
CA ASP A 315 16.88 13.94 -8.32
C ASP A 315 16.26 13.69 -6.95
N PRO A 316 15.04 13.14 -6.88
CA PRO A 316 14.50 12.90 -5.55
C PRO A 316 15.34 11.97 -4.69
N VAL A 317 15.98 10.97 -5.29
CA VAL A 317 16.99 10.14 -4.59
C VAL A 317 18.08 11.02 -3.95
N GLU A 318 18.69 11.89 -4.75
CA GLU A 318 19.80 12.72 -4.26
C GLU A 318 19.30 13.57 -3.12
N LYS A 319 18.11 14.13 -3.34
CA LYS A 319 17.48 14.99 -2.40
C LYS A 319 17.18 14.27 -1.09
N ALA A 320 16.81 13.00 -1.18
CA ALA A 320 16.45 12.25 0.00
C ALA A 320 17.70 12.02 0.84
N LEU A 321 18.80 11.65 0.17
CA LEU A 321 20.11 11.48 0.80
C LEU A 321 20.61 12.72 1.48
N ARG A 322 20.49 13.88 0.85
CA ARG A 322 20.95 15.12 1.48
C ARG A 322 20.05 15.61 2.64
N ASP A 323 18.79 15.20 2.65
CA ASP A 323 17.92 15.46 3.79
C ASP A 323 18.19 14.45 4.89
N ALA A 324 18.51 13.21 4.50
CA ALA A 324 18.87 12.18 5.47
C ALA A 324 20.29 12.39 6.00
N LYS A 325 21.01 13.34 5.39
CA LYS A 325 22.43 13.63 5.68
C LYS A 325 23.30 12.40 5.48
N LEU A 326 23.11 11.76 4.32
CA LEU A 326 23.84 10.56 3.96
C LEU A 326 24.42 10.67 2.56
N ASP A 327 25.64 10.17 2.39
CA ASP A 327 26.22 9.96 1.08
C ASP A 327 25.66 8.64 0.56
N LYS A 328 25.59 8.47 -0.76
CA LYS A 328 25.00 7.26 -1.37
C LYS A 328 25.60 5.91 -0.93
N SER A 329 26.89 5.89 -0.58
CA SER A 329 27.60 4.68 -0.15
C SER A 329 27.24 4.19 1.27
N GLN A 330 26.49 5.03 2.00
CA GLN A 330 26.05 4.71 3.35
C GLN A 330 24.67 4.09 3.36
N ILE A 331 24.14 3.83 2.17
CA ILE A 331 22.92 3.03 2.02
C ILE A 331 23.27 1.55 1.89
N HIS A 332 22.68 0.75 2.78
CA HIS A 332 22.99 -0.68 2.93
C HIS A 332 22.04 -1.58 2.14
N ASP A 333 20.79 -1.15 1.99
CA ASP A 333 19.82 -1.85 1.15
C ASP A 333 18.99 -0.89 0.34
N ILE A 334 18.75 -1.25 -0.91
CA ILE A 334 17.90 -0.47 -1.81
C ILE A 334 16.75 -1.37 -2.21
N VAL A 335 15.52 -0.86 -2.18
CA VAL A 335 14.35 -1.72 -2.40
C VAL A 335 13.44 -1.21 -3.52
N LEU A 336 13.17 -2.09 -4.48
CA LEU A 336 12.41 -1.74 -5.64
C LEU A 336 10.93 -2.04 -5.41
N VAL A 337 10.11 -0.99 -5.48
CA VAL A 337 8.69 -1.08 -5.14
C VAL A 337 7.90 -0.30 -6.23
N GLY A 338 6.66 -0.71 -6.51
CA GLY A 338 5.84 -0.07 -7.49
C GLY A 338 6.06 -0.72 -8.83
N GLY A 339 4.96 -0.92 -9.57
CA GLY A 339 4.99 -1.65 -10.84
C GLY A 339 5.84 -1.02 -11.95
N SER A 340 6.03 0.31 -11.93
CA SER A 340 6.87 0.94 -12.95
C SER A 340 8.38 0.54 -12.76
N THR A 341 8.76 0.10 -11.56
CA THR A 341 10.23 -0.30 -11.31
C THR A 341 10.65 -1.58 -12.01
N ARG A 342 9.68 -2.13 -12.72
CA ARG A 342 9.89 -3.26 -13.59
C ARG A 342 10.53 -2.83 -14.92
N ILE A 343 10.68 -1.53 -15.17
CA ILE A 343 10.99 -1.04 -16.53
C ILE A 343 12.52 -1.24 -16.53
N PRO A 344 13.07 -2.06 -17.40
CA PRO A 344 14.54 -2.28 -17.33
C PRO A 344 15.40 -0.99 -17.23
N LYS A 345 15.10 0.07 -17.99
CA LYS A 345 15.89 1.34 -17.93
C LYS A 345 15.94 1.99 -16.54
N ILE A 346 14.78 2.23 -15.89
CA ILE A 346 14.73 2.55 -14.44
C ILE A 346 15.75 1.62 -13.58
N GLN A 347 15.69 0.33 -13.78
CA GLN A 347 16.61 -0.60 -12.97
C GLN A 347 17.98 -0.10 -13.20
N LYS A 348 18.47 -0.09 -14.44
CA LYS A 348 19.82 0.40 -14.77
C LYS A 348 20.24 1.73 -14.15
N LEU A 349 19.42 2.76 -14.32
CA LEU A 349 19.72 4.10 -13.83
C LEU A 349 19.87 4.21 -12.36
N LEU A 350 19.21 3.34 -11.61
CA LEU A 350 19.27 3.38 -10.15
C LEU A 350 20.53 2.64 -9.71
N GLN A 351 20.77 1.48 -10.31
CA GLN A 351 22.00 0.72 -10.03
C GLN A 351 23.34 1.38 -10.37
N ASP A 352 23.43 1.94 -11.58
CA ASP A 352 24.52 2.85 -11.98
C ASP A 352 24.69 3.96 -10.98
N PHE A 353 23.59 4.58 -10.56
CA PHE A 353 23.70 5.64 -9.59
C PHE A 353 24.36 5.14 -8.30
N PHE A 354 24.03 3.92 -7.90
CA PHE A 354 24.64 3.32 -6.72
C PHE A 354 25.88 2.48 -7.04
N ASN A 355 26.52 2.74 -8.18
CA ASN A 355 27.83 2.12 -8.52
C ASN A 355 27.88 0.60 -8.52
N GLY A 356 26.85 0.04 -9.14
CA GLY A 356 26.66 -1.38 -9.39
C GLY A 356 26.23 -2.17 -8.17
N LYS A 357 25.89 -1.47 -7.10
CA LYS A 357 25.34 -2.15 -5.92
C LYS A 357 24.08 -2.88 -6.34
N GLU A 358 23.90 -4.08 -5.80
CA GLU A 358 22.75 -4.92 -6.12
C GLU A 358 21.45 -4.46 -5.41
N LEU A 359 20.35 -4.63 -6.13
CA LEU A 359 19.04 -4.10 -5.79
C LEU A 359 18.12 -5.22 -5.29
N ASN A 360 17.33 -4.95 -4.25
CA ASN A 360 16.31 -5.90 -3.74
C ASN A 360 15.07 -5.82 -4.61
N LYS A 361 14.88 -6.83 -5.45
CA LYS A 361 13.77 -6.85 -6.42
C LYS A 361 13.17 -8.23 -6.67
N SER A 362 13.68 -9.25 -5.97
CA SER A 362 13.20 -10.63 -6.13
C SER A 362 11.70 -10.83 -5.85
N ILE A 363 11.03 -9.79 -5.34
CA ILE A 363 9.60 -9.85 -4.99
C ILE A 363 8.83 -8.84 -5.89
N ASN A 364 7.84 -9.31 -6.64
CA ASN A 364 7.13 -8.45 -7.58
C ASN A 364 6.92 -7.10 -6.93
N PRO A 365 7.55 -6.06 -7.49
CA PRO A 365 7.61 -4.75 -6.85
C PRO A 365 6.23 -4.18 -6.58
N ASP A 366 5.24 -4.50 -7.42
CA ASP A 366 3.89 -3.99 -7.23
C ASP A 366 3.15 -4.80 -6.18
N GLU A 367 3.81 -5.82 -5.64
CA GLU A 367 3.20 -6.71 -4.65
C GLU A 367 3.89 -6.58 -3.31
N ALA A 368 5.06 -5.95 -3.30
CA ALA A 368 5.90 -5.92 -2.10
C ALA A 368 5.25 -5.28 -0.88
N VAL A 369 4.50 -4.18 -1.10
CA VAL A 369 3.83 -3.49 0.00
C VAL A 369 2.81 -4.42 0.68
N ALA A 370 1.96 -5.09 -0.12
CA ALA A 370 0.89 -5.96 0.37
C ALA A 370 1.49 -7.16 1.09
N TYR A 371 2.60 -7.65 0.53
CA TYR A 371 3.42 -8.69 1.12
C TYR A 371 3.74 -8.34 2.57
N GLY A 372 4.31 -7.18 2.79
CA GLY A 372 4.86 -6.83 4.10
C GLY A 372 3.75 -6.60 5.11
N ALA A 373 2.66 -6.03 4.61
CA ALA A 373 1.41 -5.83 5.38
C ALA A 373 0.82 -7.16 5.85
N ALA A 374 0.89 -8.17 4.99
CA ALA A 374 0.45 -9.52 5.31
C ALA A 374 1.32 -10.10 6.43
N VAL A 375 2.63 -9.92 6.32
CA VAL A 375 3.55 -10.35 7.36
C VAL A 375 3.17 -9.65 8.65
N GLN A 376 2.91 -8.34 8.58
CA GLN A 376 2.63 -7.59 9.79
C GLN A 376 1.25 -7.96 10.36
N ALA A 377 0.29 -8.29 9.50
CA ALA A 377 -1.03 -8.68 9.97
C ALA A 377 -1.01 -10.01 10.76
N ALA A 378 -0.12 -10.91 10.35
CA ALA A 378 0.06 -12.18 11.05
C ALA A 378 0.66 -11.92 12.41
N ILE A 379 1.66 -11.04 12.46
CA ILE A 379 2.33 -10.72 13.70
C ILE A 379 1.36 -10.03 14.66
N LEU A 380 0.55 -9.12 14.16
CA LEU A 380 -0.37 -8.38 15.03
C LEU A 380 -1.54 -9.24 15.49
N SER A 381 -1.62 -10.46 14.95
CA SER A 381 -2.56 -11.44 15.42
C SER A 381 -1.94 -12.41 16.42
N GLY A 382 -0.78 -12.97 16.05
CA GLY A 382 -0.24 -14.16 16.73
C GLY A 382 -0.30 -15.38 15.81
N ASP A 383 -0.27 -15.10 14.50
CA ASP A 383 -0.13 -16.13 13.46
C ASP A 383 1.35 -16.34 13.11
N LYS A 384 2.22 -15.61 13.80
CA LYS A 384 3.66 -15.76 13.63
C LYS A 384 4.37 -15.54 14.96
N SER A 385 4.92 -16.64 15.49
CA SER A 385 5.59 -16.64 16.79
C SER A 385 7.12 -16.71 16.63
N GLU A 386 7.84 -16.98 17.73
CA GLU A 386 9.32 -17.06 17.76
C GLU A 386 10.04 -16.08 16.84
N ASP B 1 20.13 -5.20 28.81
CA ASP B 1 19.91 -3.95 29.61
C ASP B 1 18.85 -4.17 30.74
N PRO B 2 18.78 -3.24 31.73
CA PRO B 2 17.85 -3.38 32.89
C PRO B 2 16.34 -3.52 32.56
N GLU B 3 15.85 -2.80 31.56
CA GLU B 3 14.44 -2.87 31.15
C GLU B 3 14.09 -4.18 30.47
N LYS B 4 15.04 -4.73 29.73
CA LYS B 4 14.83 -5.96 28.96
C LYS B 4 15.05 -7.21 29.81
N LEU B 5 16.00 -7.13 30.75
CA LEU B 5 16.27 -8.20 31.72
C LEU B 5 15.02 -8.49 32.53
N LYS B 6 14.38 -7.42 32.99
CA LYS B 6 13.10 -7.40 33.73
C LYS B 6 12.06 -8.34 33.11
N ILE B 7 11.73 -8.04 31.85
CA ILE B 7 10.73 -8.75 31.07
C ILE B 7 11.14 -10.20 30.81
N LEU B 8 12.41 -10.43 30.53
CA LEU B 8 12.91 -11.78 30.26
C LEU B 8 12.94 -12.66 31.52
N GLU B 9 13.09 -12.03 32.68
CA GLU B 9 13.00 -12.72 33.97
C GLU B 9 11.55 -13.03 34.28
N TRP B 10 10.69 -12.07 33.99
CA TRP B 10 9.24 -12.17 34.14
C TRP B 10 8.66 -13.38 33.38
N ILE B 11 8.94 -13.47 32.08
CA ILE B 11 8.54 -14.58 31.22
C ILE B 11 9.01 -15.94 31.76
N GLU B 12 10.28 -15.98 32.19
CA GLU B 12 10.93 -17.20 32.67
C GLU B 12 10.24 -17.81 33.88
N GLY B 13 9.94 -16.97 34.86
CA GLY B 13 9.37 -17.40 36.12
C GLY B 13 7.92 -17.81 36.03
N LYS B 14 7.17 -17.16 35.14
CA LYS B 14 5.71 -17.30 35.06
C LYS B 14 5.22 -18.43 34.14
N GLU B 15 6.14 -19.05 33.39
CA GLU B 15 5.94 -20.37 32.74
C GLU B 15 4.80 -20.47 31.68
N ARG B 16 4.58 -19.37 30.96
CA ARG B 16 3.47 -19.19 30.01
C ARG B 16 2.11 -19.45 30.65
N ASN B 17 2.02 -19.06 31.92
CA ASN B 17 0.78 -19.14 32.67
C ASN B 17 0.11 -17.78 32.60
N ILE B 18 -0.88 -17.67 31.73
CA ILE B 18 -1.57 -16.40 31.47
C ILE B 18 -1.98 -15.63 32.74
N ARG B 19 -2.67 -16.30 33.67
CA ARG B 19 -3.08 -15.66 34.92
C ARG B 19 -1.89 -15.05 35.67
N ALA B 20 -0.79 -15.80 35.73
CA ALA B 20 0.40 -15.35 36.45
C ALA B 20 1.00 -14.13 35.77
N LEU B 21 0.95 -14.12 34.45
CA LEU B 21 1.52 -13.03 33.64
C LEU B 21 0.68 -11.77 33.72
N LEU B 22 -0.64 -11.94 33.67
CA LEU B 22 -1.58 -10.81 33.81
C LEU B 22 -1.49 -10.18 35.18
N SER B 23 -1.56 -11.00 36.22
CA SER B 23 -1.54 -10.50 37.60
C SER B 23 -0.20 -9.89 38.02
N THR B 24 0.78 -9.88 37.14
CA THR B 24 2.08 -9.28 37.41
C THR B 24 2.63 -8.39 36.27
N MET B 25 1.82 -8.16 35.23
CA MET B 25 2.27 -7.33 34.09
C MET B 25 2.63 -5.91 34.49
N HIS B 26 1.96 -5.41 35.53
CA HIS B 26 2.23 -4.09 36.05
C HIS B 26 3.66 -3.92 36.61
N THR B 27 4.35 -5.03 36.88
CA THR B 27 5.74 -4.95 37.36
C THR B 27 6.77 -4.79 36.23
N VAL B 28 6.34 -5.00 34.99
CA VAL B 28 7.26 -4.91 33.86
C VAL B 28 6.95 -3.75 32.91
N LEU B 29 5.80 -3.11 33.13
CA LEU B 29 5.41 -2.00 32.26
C LEU B 29 6.41 -0.86 32.38
N TRP B 30 6.51 -0.08 31.31
CA TRP B 30 7.39 1.08 31.23
C TRP B 30 6.92 2.12 32.23
N ALA B 31 7.87 2.78 32.90
CA ALA B 31 7.55 3.94 33.71
C ALA B 31 6.96 5.01 32.78
N GLY B 32 5.82 5.57 33.19
CA GLY B 32 5.02 6.44 32.33
C GLY B 32 3.62 5.89 32.13
N GLU B 33 3.53 4.57 31.99
CA GLU B 33 2.26 3.85 31.78
C GLU B 33 1.23 4.14 32.87
N THR B 34 0.04 4.58 32.46
CA THR B 34 -1.06 4.89 33.40
C THR B 34 -2.34 4.11 33.12
N LYS B 35 -2.44 3.51 31.93
CA LYS B 35 -3.70 2.91 31.46
C LYS B 35 -3.99 1.51 32.03
N TRP B 36 -3.20 1.09 33.02
CA TRP B 36 -3.27 -0.29 33.54
C TRP B 36 -3.35 -0.35 35.06
N LYS B 37 -4.49 -0.82 35.54
CA LYS B 37 -4.63 -1.09 36.96
C LYS B 37 -4.21 -2.52 37.26
N PRO B 38 -3.34 -2.70 38.30
CA PRO B 38 -2.94 -4.03 38.74
C PRO B 38 -4.17 -4.88 39.03
N VAL B 39 -4.09 -6.15 38.67
CA VAL B 39 -5.20 -7.08 38.75
C VAL B 39 -4.80 -8.28 39.60
N GLY B 40 -5.63 -8.61 40.59
CA GLY B 40 -5.37 -9.79 41.42
C GLY B 40 -5.93 -11.05 40.81
N MET B 41 -5.55 -12.19 41.38
CA MET B 41 -6.12 -13.48 41.02
C MET B 41 -7.63 -13.53 41.21
N ALA B 42 -8.14 -12.86 42.25
CA ALA B 42 -9.57 -12.66 42.44
C ALA B 42 -10.32 -12.30 41.16
N ASP B 43 -9.69 -11.53 40.28
CA ASP B 43 -10.30 -11.09 39.02
C ASP B 43 -9.83 -11.91 37.81
N LEU B 44 -9.26 -13.10 38.06
CA LEU B 44 -8.74 -14.00 37.01
C LEU B 44 -9.13 -15.46 37.22
N VAL B 45 -10.27 -15.72 37.84
CA VAL B 45 -10.69 -17.09 38.15
C VAL B 45 -11.27 -17.77 36.91
N THR B 46 -12.36 -17.23 36.37
CA THR B 46 -13.09 -17.86 35.27
C THR B 46 -12.48 -17.49 33.92
N PRO B 47 -12.65 -18.36 32.89
CA PRO B 47 -12.18 -18.03 31.55
C PRO B 47 -12.77 -16.74 30.96
N GLU B 48 -13.95 -16.32 31.43
CA GLU B 48 -14.52 -15.01 31.10
C GLU B 48 -13.55 -13.94 31.61
N GLN B 49 -13.15 -14.07 32.88
CA GLN B 49 -12.27 -13.12 33.53
C GLN B 49 -10.89 -13.05 32.86
N VAL B 50 -10.28 -14.20 32.61
CA VAL B 50 -9.00 -14.26 31.89
C VAL B 50 -9.12 -13.55 30.54
N LYS B 51 -10.13 -13.94 29.75
CA LYS B 51 -10.38 -13.35 28.43
C LYS B 51 -10.49 -11.84 28.54
N LYS B 52 -11.47 -11.36 29.30
CA LYS B 52 -11.74 -9.91 29.49
C LYS B 52 -10.51 -9.09 29.88
N VAL B 53 -9.71 -9.63 30.80
CA VAL B 53 -8.47 -9.00 31.25
C VAL B 53 -7.36 -9.10 30.17
N TYR B 54 -7.28 -10.24 29.50
CA TYR B 54 -6.30 -10.43 28.43
C TYR B 54 -6.50 -9.42 27.30
N ARG B 55 -7.75 -9.25 26.88
CA ARG B 55 -8.07 -8.32 25.81
C ARG B 55 -7.83 -6.87 26.24
N LYS B 56 -7.79 -6.64 27.55
CA LYS B 56 -7.36 -5.36 28.09
C LYS B 56 -5.83 -5.25 28.14
N ALA B 57 -5.14 -6.36 28.41
CA ALA B 57 -3.68 -6.33 28.42
C ALA B 57 -3.08 -6.03 27.04
N VAL B 58 -3.57 -6.73 26.01
CA VAL B 58 -2.98 -6.59 24.68
C VAL B 58 -3.15 -5.21 24.08
N LEU B 59 -4.23 -4.51 24.47
CA LEU B 59 -4.43 -3.14 24.03
C LEU B 59 -3.31 -2.20 24.52
N VAL B 60 -3.05 -2.26 25.82
CA VAL B 60 -1.94 -1.51 26.47
C VAL B 60 -0.59 -1.70 25.76
N VAL B 61 -0.25 -2.96 25.47
CA VAL B 61 1.06 -3.31 24.91
C VAL B 61 1.10 -3.50 23.40
N HIS B 62 0.00 -3.18 22.71
CA HIS B 62 -0.06 -3.37 21.28
C HIS B 62 1.10 -2.67 20.56
N PRO B 63 1.83 -3.39 19.69
CA PRO B 63 2.99 -2.92 18.90
C PRO B 63 2.70 -1.79 17.92
N CYS B 64 1.42 -1.55 17.68
CA CYS B 64 1.01 -0.50 16.77
C CYS B 64 0.99 0.84 17.51
N LYS B 65 0.38 0.86 18.68
CA LYS B 65 0.35 2.04 19.54
C LYS B 65 1.77 2.35 20.02
N ALA B 66 2.55 1.31 20.30
CA ALA B 66 3.92 1.46 20.78
C ALA B 66 4.92 1.90 19.70
N THR B 67 4.48 1.99 18.44
CA THR B 67 5.35 2.34 17.32
C THR B 67 5.93 3.74 17.53
N GLY B 68 7.25 3.81 17.50
CA GLY B 68 8.00 5.05 17.66
C GLY B 68 8.37 5.38 19.10
N GLN B 69 7.72 4.69 20.03
CA GLN B 69 7.86 5.01 21.45
C GLN B 69 9.16 4.48 22.04
N PRO B 70 9.68 5.12 23.11
CA PRO B 70 10.96 4.71 23.70
C PRO B 70 10.91 3.29 24.28
N TYR B 71 9.69 2.80 24.50
CA TYR B 71 9.48 1.50 25.10
C TYR B 71 9.07 0.44 24.09
N GLU B 72 8.98 0.84 22.81
CA GLU B 72 8.49 -0.02 21.73
C GLU B 72 8.96 -1.46 21.86
N GLN B 73 10.25 -1.64 22.12
CA GLN B 73 10.87 -2.97 22.13
C GLN B 73 10.34 -3.88 23.22
N TYR B 74 9.80 -3.27 24.28
CA TYR B 74 9.32 -4.00 25.46
C TYR B 74 7.84 -4.31 25.33
N ALA B 75 7.09 -3.37 24.76
CA ALA B 75 5.69 -3.57 24.37
C ALA B 75 5.54 -4.81 23.47
N LYS B 76 6.42 -4.91 22.48
CA LYS B 76 6.53 -6.06 21.60
C LYS B 76 6.77 -7.35 22.38
N MET B 77 7.78 -7.34 23.26
CA MET B 77 8.16 -8.52 24.03
C MET B 77 7.04 -9.08 24.88
N ILE B 78 6.27 -8.17 25.50
CA ILE B 78 5.18 -8.54 26.39
C ILE B 78 3.99 -9.03 25.60
N PHE B 79 3.60 -8.28 24.57
CA PHE B 79 2.62 -8.71 23.56
C PHE B 79 2.82 -10.18 23.16
N MET B 80 4.01 -10.50 22.66
CA MET B 80 4.31 -11.83 22.09
C MET B 80 4.17 -12.95 23.14
N GLU B 81 4.64 -12.68 24.36
CA GLU B 81 4.56 -13.65 25.43
C GLU B 81 3.11 -13.85 25.89
N LEU B 82 2.32 -12.77 25.86
CA LEU B 82 0.90 -12.83 26.23
C LEU B 82 0.11 -13.61 25.18
N ASN B 83 0.37 -13.35 23.90
CA ASN B 83 -0.28 -14.08 22.81
C ASN B 83 -0.07 -15.58 22.93
N ASP B 84 1.16 -15.98 23.26
CA ASP B 84 1.54 -17.38 23.42
C ASP B 84 0.91 -17.99 24.66
N ALA B 85 0.91 -17.22 25.75
CA ALA B 85 0.22 -17.58 26.99
C ALA B 85 -1.24 -17.87 26.70
N TRP B 86 -1.90 -16.96 26.01
CA TRP B 86 -3.31 -17.08 25.75
C TRP B 86 -3.66 -18.28 24.86
N SER B 87 -2.79 -18.59 23.90
CA SER B 87 -3.08 -19.69 22.98
C SER B 87 -2.89 -21.02 23.69
N GLU B 88 -1.92 -21.06 24.60
CA GLU B 88 -1.77 -22.18 25.51
C GLU B 88 -3.01 -22.32 26.38
N PHE B 89 -3.57 -21.20 26.82
CA PHE B 89 -4.81 -21.19 27.59
C PHE B 89 -6.02 -21.69 26.78
N GLU B 90 -6.10 -21.29 25.50
CA GLU B 90 -7.16 -21.70 24.59
C GLU B 90 -7.12 -23.19 24.32
N ASN B 91 -5.91 -23.73 24.20
CA ASN B 91 -5.73 -25.14 23.88
C ASN B 91 -6.04 -26.08 25.05
N GLN B 92 -5.72 -25.64 26.27
CA GLN B 92 -6.02 -26.37 27.51
C GLN B 92 -7.43 -26.98 27.50
PG ANP C . 1.47 2.94 -4.20
O1G ANP C . 0.62 1.93 -3.40
O2G ANP C . 2.86 2.28 -4.09
O3G ANP C . 1.22 4.52 -3.92
PB ANP C . 0.21 1.90 -6.78
O1B ANP C . 0.00 0.76 -5.82
O2B ANP C . -1.04 2.54 -7.37
N3B ANP C . 1.24 2.87 -5.91
PA ANP C . 1.57 -0.06 -8.51
O1A ANP C . 2.82 -0.13 -7.67
O2A ANP C . 0.66 -1.23 -8.73
O3A ANP C . 0.84 1.34 -8.14
O5' ANP C . 2.07 0.24 -9.99
C5' ANP C . 1.13 0.66 -11.01
C4' ANP C . 1.98 1.01 -12.21
O4' ANP C . 3.02 0.01 -12.48
C3' ANP C . 1.21 1.17 -13.49
O3' ANP C . 1.69 2.33 -14.16
C2' ANP C . 1.58 -0.02 -14.32
O2' ANP C . 1.52 0.25 -15.70
C1' ANP C . 3.03 -0.21 -13.91
N9 ANP C . 3.44 -1.55 -14.34
C8 ANP C . 2.94 -2.70 -13.91
N7 ANP C . 3.60 -3.70 -14.56
C5 ANP C . 4.51 -3.13 -15.41
C6 ANP C . 5.47 -3.61 -16.30
N6 ANP C . 5.67 -4.93 -16.50
N1 ANP C . 6.22 -2.73 -16.98
C2 ANP C . 6.09 -1.41 -16.82
N3 ANP C . 5.20 -0.93 -15.96
C4 ANP C . 4.38 -1.77 -15.27
C ACY D . -13.55 -11.23 -6.55
OXT ACY D . -12.69 -10.82 -7.37
CH3 ACY D . -13.22 -12.54 -5.90
C1 GOL E . -0.88 11.54 -3.49
O1 GOL E . 0.12 12.29 -2.87
C2 GOL E . -1.42 10.71 -2.37
O2 GOL E . -2.10 11.55 -1.45
C3 GOL E . -2.37 9.67 -2.95
O3 GOL E . -2.14 9.50 -4.33
C1 GOL F . -2.54 1.79 -14.87
C2 GOL F . -2.77 3.24 -15.18
O2 GOL F . -3.65 3.78 -14.19
C3 GOL F . -1.44 3.98 -15.29
O3 GOL F . -0.38 3.18 -15.81
#